data_1XE8
#
_entry.id   1XE8
#
_cell.length_a   207.970
_cell.length_b   207.970
_cell.length_c   207.970
_cell.angle_alpha   90.00
_cell.angle_beta   90.00
_cell.angle_gamma   90.00
#
_symmetry.space_group_name_H-M   'I 4 3 2'
#
loop_
_entity.id
_entity.type
_entity.pdbx_description
1 polymer 'Hypothetical 22.5 kDa protein in TUB1-CPR3 intergenic region'
2 non-polymer ADENINE
3 non-polymer 'CITRIC ACID'
4 non-polymer GLYCEROL
5 water water
#
_entity_poly.entity_id   1
_entity_poly.type   'polypeptide(L)'
_entity_poly.pdbx_seq_one_letter_code
;MSANVQEAANAAIEPASFVKVP(MSE)PEPPSSLQQLINDWQLIKHREGGYFKETDRSPYT(MSE)EVEKPVNGGSGNTE
(MSE)VTRNQSTLIYYLLTPDSPIGKFHKNINRIIHILQRGKGQYVLVYPDGQVKSFKVGFDYKNGEVSQWVVPGGVFKA
SFLLPNEEFDNGFLISEVVVPGFDFEDHTFLKGEDELKHLVGPEKAAELAFLAHH
;
_entity_poly.pdbx_strand_id   A,B,C
#
# COMPACT_ATOMS: atom_id res chain seq x y z
N ALA A 9 7.88 11.21 16.63
CA ALA A 9 9.12 11.71 15.97
C ALA A 9 9.27 11.08 14.59
N ASN A 10 10.39 11.38 13.92
CA ASN A 10 10.74 10.88 12.59
C ASN A 10 10.82 11.96 11.52
N ALA A 11 9.99 12.98 11.62
CA ALA A 11 9.98 14.00 10.58
C ALA A 11 10.68 15.30 10.86
N ALA A 12 10.77 15.70 12.12
CA ALA A 12 11.41 16.97 12.43
C ALA A 12 10.48 18.12 12.00
N ILE A 13 9.90 18.76 12.99
CA ILE A 13 8.96 19.84 12.79
C ILE A 13 9.68 21.16 12.56
N GLU A 14 9.67 21.61 11.32
CA GLU A 14 10.34 22.86 10.97
C GLU A 14 9.44 23.67 10.04
N PRO A 15 8.42 24.31 10.61
CA PRO A 15 7.42 25.16 9.95
C PRO A 15 8.02 26.15 8.98
N ALA A 16 7.59 26.13 7.73
CA ALA A 16 8.11 27.08 6.75
C ALA A 16 7.71 28.47 7.24
N SER A 17 8.08 29.52 6.50
CA SER A 17 7.70 30.85 6.93
C SER A 17 6.19 31.03 6.90
N PHE A 18 5.52 30.69 5.79
CA PHE A 18 4.07 30.86 5.76
C PHE A 18 3.30 30.00 6.75
N VAL A 19 3.94 28.98 7.30
CA VAL A 19 3.25 28.15 8.26
C VAL A 19 3.21 28.90 9.58
N LYS A 20 4.34 29.45 9.98
CA LYS A 20 4.41 30.19 11.24
C LYS A 20 3.58 31.49 11.14
N VAL A 21 3.79 32.25 10.06
CA VAL A 21 3.05 33.47 9.82
C VAL A 21 2.33 33.27 8.50
N PRO A 22 1.08 32.78 8.54
CA PRO A 22 0.36 32.57 7.29
C PRO A 22 0.26 33.82 6.42
N PRO A 24 -1.64 36.38 3.62
CA PRO A 24 -3.00 36.92 3.48
C PRO A 24 -3.77 36.31 2.35
N GLU A 25 -3.06 35.75 1.39
CA GLU A 25 -3.73 35.20 0.25
C GLU A 25 -2.97 34.03 -0.34
N PRO A 26 -3.69 33.06 -0.91
CA PRO A 26 -3.02 31.89 -1.50
C PRO A 26 -2.77 32.23 -2.96
N PRO A 27 -1.86 31.51 -3.63
CA PRO A 27 -1.63 31.82 -5.04
C PRO A 27 -2.97 31.70 -5.76
N SER A 28 -3.12 32.38 -6.89
CA SER A 28 -4.39 32.35 -7.59
C SER A 28 -4.84 30.97 -8.08
N SER A 29 -3.91 30.07 -8.36
CA SER A 29 -4.33 28.76 -8.82
C SER A 29 -5.13 28.05 -7.71
N LEU A 30 -4.63 28.11 -6.49
CA LEU A 30 -5.32 27.50 -5.37
C LEU A 30 -6.67 28.21 -5.13
N GLN A 31 -6.71 29.51 -5.44
CA GLN A 31 -7.95 30.26 -5.29
C GLN A 31 -8.98 29.71 -6.27
N GLN A 32 -8.59 29.58 -7.53
CA GLN A 32 -9.45 29.04 -8.58
C GLN A 32 -10.08 27.75 -8.08
N LEU A 33 -9.22 26.79 -7.78
CA LEU A 33 -9.64 25.49 -7.29
C LEU A 33 -10.57 25.64 -6.10
N ILE A 34 -10.24 26.55 -5.18
CA ILE A 34 -11.07 26.73 -4.02
C ILE A 34 -12.47 27.21 -4.42
N ASN A 35 -12.54 28.18 -5.32
CA ASN A 35 -13.82 28.68 -5.76
C ASN A 35 -14.58 27.76 -6.71
N ASP A 36 -13.88 27.18 -7.67
CA ASP A 36 -14.53 26.30 -8.60
C ASP A 36 -15.15 25.10 -7.89
N TRP A 37 -14.42 24.52 -6.94
CA TRP A 37 -14.91 23.37 -6.20
C TRP A 37 -15.78 23.77 -5.02
N GLN A 38 -15.80 25.05 -4.73
CA GLN A 38 -16.59 25.57 -3.61
C GLN A 38 -16.21 24.95 -2.28
N LEU A 39 -14.91 24.91 -2.00
CA LEU A 39 -14.41 24.38 -0.75
C LEU A 39 -14.65 25.52 0.23
N ILE A 40 -14.74 25.20 1.52
CA ILE A 40 -15.00 26.21 2.52
C ILE A 40 -14.04 26.04 3.68
N LYS A 41 -13.83 27.10 4.45
CA LYS A 41 -12.90 27.01 5.59
C LYS A 41 -13.43 26.07 6.62
N HIS A 42 -12.59 25.13 7.02
CA HIS A 42 -12.93 24.15 8.02
C HIS A 42 -12.71 24.76 9.38
N ARG A 43 -13.24 24.12 10.41
CA ARG A 43 -13.07 24.63 11.75
C ARG A 43 -11.60 24.56 12.12
N GLU A 44 -10.95 23.45 11.77
CA GLU A 44 -9.52 23.25 12.07
C GLU A 44 -8.59 24.19 11.34
N GLY A 45 -8.97 24.57 10.13
CA GLY A 45 -8.15 25.44 9.32
C GLY A 45 -8.10 24.72 8.00
N GLY A 46 -7.58 25.36 6.96
CA GLY A 46 -7.52 24.71 5.66
C GLY A 46 -8.90 24.71 5.05
N TYR A 47 -9.00 24.18 3.84
CA TYR A 47 -10.29 24.13 3.15
C TYR A 47 -10.76 22.70 2.97
N PHE A 48 -12.07 22.51 2.94
CA PHE A 48 -12.60 21.16 2.79
C PHE A 48 -13.93 21.16 2.07
N LYS A 49 -14.42 19.96 1.77
CA LYS A 49 -15.70 19.81 1.11
C LYS A 49 -16.14 18.36 1.07
N GLU A 50 -17.15 18.04 1.88
CA GLU A 50 -17.67 16.69 1.93
C GLU A 50 -18.30 16.38 0.57
N THR A 51 -17.74 15.42 -0.13
CA THR A 51 -18.21 15.07 -1.46
C THR A 51 -19.03 13.78 -1.49
N ASP A 52 -19.05 13.06 -0.38
CA ASP A 52 -19.84 11.84 -0.35
C ASP A 52 -20.23 11.47 1.06
N ARG A 53 -21.44 10.90 1.18
CA ARG A 53 -21.99 10.47 2.45
C ARG A 53 -22.85 9.26 2.15
N SER A 54 -22.41 8.08 2.58
CA SER A 54 -23.14 6.86 2.31
C SER A 54 -24.63 6.98 2.59
N PRO A 55 -25.45 6.42 1.69
CA PRO A 55 -26.90 6.44 1.82
C PRO A 55 -27.28 5.36 2.82
N TYR A 56 -26.29 4.55 3.19
CA TYR A 56 -26.47 3.46 4.13
C TYR A 56 -26.10 3.90 5.53
N THR A 57 -26.95 3.54 6.48
CA THR A 57 -26.75 3.87 7.87
C THR A 57 -26.31 2.61 8.60
N GLU A 59 -25.87 1.29 12.92
CA GLU A 59 -26.02 1.62 14.33
C GLU A 59 -24.66 1.36 14.93
N VAL A 60 -24.25 2.21 15.86
CA VAL A 60 -22.93 2.12 16.50
C VAL A 60 -22.98 2.43 17.99
N GLU A 61 -22.26 1.64 18.80
CA GLU A 61 -22.22 1.89 20.24
C GLU A 61 -21.30 3.07 20.51
N LYS A 62 -21.79 4.01 21.31
CA LYS A 62 -21.00 5.19 21.65
C LYS A 62 -21.16 5.47 23.14
N PRO A 63 -20.04 5.66 23.85
CA PRO A 63 -20.08 5.93 25.29
C PRO A 63 -20.67 7.33 25.54
N VAL A 64 -21.48 7.47 26.59
CA VAL A 64 -22.07 8.77 26.89
C VAL A 64 -21.29 9.55 27.96
N ASN A 70 -21.61 3.75 30.86
CA ASN A 70 -22.71 3.19 30.08
C ASN A 70 -22.74 3.82 28.68
N THR A 71 -22.80 2.97 27.65
CA THR A 71 -22.83 3.46 26.27
C THR A 71 -24.24 3.64 25.76
N GLU A 72 -24.34 4.06 24.50
CA GLU A 72 -25.61 4.32 23.87
C GLU A 72 -25.52 4.11 22.36
N VAL A 74 -26.16 5.02 18.55
CA VAL A 74 -26.34 6.20 17.73
C VAL A 74 -26.24 5.69 16.30
N THR A 75 -26.89 6.36 15.37
CA THR A 75 -26.79 5.88 14.02
C THR A 75 -26.06 6.90 13.18
N ARG A 76 -25.12 6.40 12.36
CA ARG A 76 -24.31 7.23 11.47
C ARG A 76 -24.46 6.70 10.06
N ASN A 77 -23.92 7.45 9.10
CA ASN A 77 -23.93 7.02 7.72
C ASN A 77 -22.76 6.04 7.71
N GLN A 78 -22.69 5.17 6.71
CA GLN A 78 -21.60 4.22 6.70
C GLN A 78 -20.25 4.87 6.48
N SER A 79 -20.20 5.86 5.59
CA SER A 79 -18.93 6.53 5.32
C SER A 79 -19.10 7.96 4.78
N THR A 80 -18.04 8.75 4.88
CA THR A 80 -18.03 10.12 4.40
C THR A 80 -16.69 10.43 3.76
N LEU A 81 -16.74 11.23 2.69
CA LEU A 81 -15.54 11.60 1.98
C LEU A 81 -15.45 13.11 1.88
N ILE A 82 -14.25 13.63 2.04
CA ILE A 82 -14.06 15.07 1.93
C ILE A 82 -12.76 15.28 1.20
N TYR A 83 -12.58 16.51 0.71
CA TYR A 83 -11.35 16.93 0.05
C TYR A 83 -10.86 17.81 1.18
N TYR A 84 -9.58 17.81 1.46
CA TYR A 84 -9.06 18.68 2.51
C TYR A 84 -7.88 19.37 1.86
N LEU A 85 -7.81 20.68 2.03
CA LEU A 85 -6.73 21.44 1.40
C LEU A 85 -6.06 22.45 2.31
N LEU A 86 -4.74 22.35 2.41
CA LEU A 86 -4.00 23.31 3.21
C LEU A 86 -3.36 24.27 2.22
N THR A 87 -3.19 25.53 2.61
CA THR A 87 -2.61 26.51 1.70
C THR A 87 -1.88 27.59 2.47
N PRO A 88 -0.99 28.33 1.80
CA PRO A 88 -0.25 29.38 2.50
C PRO A 88 -1.23 30.36 3.16
N ASP A 89 -2.42 30.46 2.56
CA ASP A 89 -3.52 31.29 3.03
C ASP A 89 -3.84 30.90 4.48
N SER A 90 -4.03 29.59 4.69
CA SER A 90 -4.28 29.00 6.01
C SER A 90 -3.60 27.64 5.90
N PRO A 91 -2.36 27.52 6.39
CA PRO A 91 -1.58 26.29 6.33
C PRO A 91 -1.63 25.26 7.45
N ILE A 92 -2.42 25.52 8.48
CA ILE A 92 -2.47 24.61 9.60
C ILE A 92 -3.84 24.00 9.84
N GLY A 93 -3.84 22.74 10.24
CA GLY A 93 -5.06 22.02 10.57
C GLY A 93 -4.85 21.68 12.02
N LYS A 94 -5.27 22.57 12.90
CA LYS A 94 -5.07 22.43 14.34
C LYS A 94 -5.46 21.13 15.01
N PHE A 95 -4.74 20.82 16.08
CA PHE A 95 -4.94 19.60 16.85
C PHE A 95 -6.39 19.31 17.20
N HIS A 96 -6.88 18.17 16.70
CA HIS A 96 -8.24 17.72 16.98
C HIS A 96 -8.20 16.21 17.05
N LYS A 97 -9.18 15.63 17.73
CA LYS A 97 -9.27 14.19 17.93
C LYS A 97 -10.60 13.67 17.37
N ASN A 98 -10.62 12.43 16.91
CA ASN A 98 -11.83 11.81 16.37
C ASN A 98 -12.10 10.44 16.98
N ILE A 99 -13.38 10.10 17.15
CA ILE A 99 -13.72 8.82 17.72
C ILE A 99 -13.31 7.68 16.79
N ASN A 100 -13.55 7.84 15.50
CA ASN A 100 -13.22 6.81 14.52
C ASN A 100 -11.90 7.05 13.80
N ARG A 101 -11.34 5.97 13.25
CA ARG A 101 -10.07 6.01 12.51
C ARG A 101 -10.31 6.74 11.20
N ILE A 102 -9.31 7.49 10.75
CA ILE A 102 -9.48 8.20 9.49
C ILE A 102 -8.46 7.81 8.44
N ILE A 103 -8.95 7.56 7.22
CA ILE A 103 -8.07 7.18 6.13
C ILE A 103 -7.72 8.43 5.35
N HIS A 104 -6.43 8.61 5.09
CA HIS A 104 -5.97 9.78 4.35
C HIS A 104 -5.29 9.32 3.07
N ILE A 105 -5.63 9.98 1.96
CA ILE A 105 -5.03 9.65 0.67
C ILE A 105 -4.45 10.91 0.06
N LEU A 106 -3.13 10.92 -0.15
CA LEU A 106 -2.50 12.09 -0.74
C LEU A 106 -2.92 12.21 -2.17
N GLN A 107 -3.12 13.44 -2.63
CA GLN A 107 -3.50 13.69 -4.02
C GLN A 107 -2.56 14.64 -4.75
N ARG A 108 -2.17 15.72 -4.08
CA ARG A 108 -1.28 16.71 -4.68
C ARG A 108 -0.49 17.42 -3.60
N GLY A 109 0.72 17.85 -3.92
CA GLY A 109 1.52 18.59 -2.97
C GLY A 109 2.23 17.84 -1.86
N LYS A 110 2.53 18.58 -0.79
CA LYS A 110 3.24 18.01 0.35
C LYS A 110 2.77 18.60 1.67
N GLY A 111 2.80 17.78 2.72
CA GLY A 111 2.39 18.25 4.03
C GLY A 111 3.05 17.42 5.11
N GLN A 112 2.77 17.74 6.36
CA GLN A 112 3.36 16.99 7.45
C GLN A 112 2.29 16.80 8.52
N TYR A 113 2.32 15.66 9.20
CA TYR A 113 1.35 15.36 10.25
C TYR A 113 2.05 15.17 11.58
N VAL A 114 1.40 15.60 12.65
CA VAL A 114 1.94 15.44 14.00
C VAL A 114 0.83 14.82 14.83
N LEU A 115 1.09 13.62 15.34
CA LEU A 115 0.10 12.91 16.13
C LEU A 115 0.48 12.81 17.60
N VAL A 116 -0.48 13.08 18.50
CA VAL A 116 -0.20 12.94 19.90
C VAL A 116 -1.10 11.84 20.41
N TYR A 117 -0.50 10.72 20.78
CA TYR A 117 -1.23 9.58 21.30
C TYR A 117 -1.69 9.81 22.73
N PRO A 118 -2.77 9.13 23.16
CA PRO A 118 -3.24 9.32 24.53
C PRO A 118 -2.20 9.07 25.62
N ASP A 119 -1.25 8.17 25.38
CA ASP A 119 -0.24 7.91 26.40
C ASP A 119 0.77 9.03 26.45
N GLY A 120 0.62 9.99 25.55
CA GLY A 120 1.52 11.15 25.52
C GLY A 120 2.62 11.12 24.49
N GLN A 121 2.71 10.04 23.72
CA GLN A 121 3.73 9.89 22.69
C GLN A 121 3.49 10.76 21.46
N VAL A 122 4.54 11.43 20.99
CA VAL A 122 4.40 12.29 19.81
C VAL A 122 5.03 11.65 18.58
N LYS A 123 4.32 11.74 17.47
CA LYS A 123 4.78 11.17 16.24
C LYS A 123 4.58 12.19 15.15
N SER A 124 5.57 12.35 14.27
CA SER A 124 5.47 13.30 13.17
C SER A 124 6.10 12.69 11.94
N PHE A 125 5.41 12.78 10.82
CA PHE A 125 5.91 12.23 9.55
C PHE A 125 5.47 13.11 8.37
N LYS A 126 6.13 12.94 7.23
CA LYS A 126 5.81 13.74 6.08
C LYS A 126 4.96 13.04 5.02
N VAL A 127 4.11 13.83 4.36
CA VAL A 127 3.22 13.33 3.31
C VAL A 127 3.63 13.87 1.95
N GLY A 128 3.86 12.97 1.01
CA GLY A 128 4.25 13.36 -0.33
C GLY A 128 4.43 12.11 -1.19
N PHE A 129 4.76 12.28 -2.46
CA PHE A 129 4.95 11.12 -3.34
C PHE A 129 6.39 10.63 -3.46
N ASP A 130 7.31 11.19 -2.69
CA ASP A 130 8.69 10.75 -2.76
C ASP A 130 8.92 9.73 -1.65
N TYR A 131 8.39 8.52 -1.84
CA TYR A 131 8.47 7.46 -0.86
C TYR A 131 9.89 7.03 -0.55
N LYS A 132 10.76 7.07 -1.56
CA LYS A 132 12.16 6.71 -1.34
C LYS A 132 12.74 7.57 -0.22
N ASN A 133 12.32 8.82 -0.15
CA ASN A 133 12.78 9.72 0.90
C ASN A 133 11.86 9.68 2.11
N GLY A 134 11.17 8.55 2.28
CA GLY A 134 10.28 8.36 3.41
C GLY A 134 9.04 9.23 3.44
N GLU A 135 8.43 9.49 2.29
CA GLU A 135 7.21 10.31 2.26
C GLU A 135 6.04 9.38 2.07
N VAL A 136 5.05 9.51 2.94
CA VAL A 136 3.88 8.66 2.85
C VAL A 136 2.82 9.30 1.96
N SER A 137 2.11 8.49 1.18
CA SER A 137 1.07 9.01 0.32
C SER A 137 -0.28 8.40 0.68
N GLN A 138 -0.29 7.67 1.78
CA GLN A 138 -1.49 6.98 2.23
C GLN A 138 -1.29 6.61 3.73
N TRP A 139 -2.10 7.17 4.61
CA TRP A 139 -1.95 6.88 6.04
C TRP A 139 -3.27 6.85 6.86
N VAL A 140 -3.25 6.12 7.98
CA VAL A 140 -4.43 5.99 8.85
C VAL A 140 -4.13 6.40 10.29
N VAL A 141 -4.98 7.25 10.86
CA VAL A 141 -4.77 7.66 12.24
C VAL A 141 -5.90 7.18 13.11
N PRO A 142 -5.58 6.32 14.09
CA PRO A 142 -6.50 5.70 15.05
C PRO A 142 -7.35 6.70 15.79
N GLY A 143 -8.58 6.31 16.08
CA GLY A 143 -9.48 7.17 16.81
C GLY A 143 -8.90 7.39 18.20
N GLY A 144 -9.19 8.55 18.78
CA GLY A 144 -8.68 8.87 20.09
C GLY A 144 -7.33 9.54 20.04
N VAL A 145 -6.64 9.42 18.90
CA VAL A 145 -5.32 10.01 18.72
C VAL A 145 -5.43 11.42 18.18
N PHE A 146 -4.85 12.38 18.88
CA PHE A 146 -4.89 13.78 18.44
C PHE A 146 -4.04 13.94 17.19
N LYS A 147 -4.51 14.75 16.25
CA LYS A 147 -3.72 14.98 15.06
C LYS A 147 -3.78 16.43 14.58
N ALA A 148 -2.70 16.84 13.93
CA ALA A 148 -2.59 18.17 13.39
C ALA A 148 -1.72 17.97 12.16
N SER A 149 -1.74 18.96 11.27
CA SER A 149 -0.93 18.87 10.06
C SER A 149 -0.70 20.28 9.57
N PHE A 150 0.43 20.49 8.91
CA PHE A 150 0.77 21.79 8.35
C PHE A 150 1.35 21.62 6.97
N LEU A 151 1.17 22.64 6.15
CA LEU A 151 1.64 22.68 4.77
C LEU A 151 3.17 22.71 4.68
N LEU A 152 3.73 21.97 3.71
CA LEU A 152 5.18 21.99 3.49
C LEU A 152 5.35 22.66 2.15
N PRO A 153 6.28 23.60 2.06
CA PRO A 153 6.47 24.28 0.77
C PRO A 153 6.75 23.29 -0.35
N ASN A 154 6.21 23.57 -1.52
CA ASN A 154 6.42 22.68 -2.64
C ASN A 154 5.92 23.26 -3.94
N GLU A 155 6.75 23.14 -4.95
CA GLU A 155 6.44 23.57 -6.29
C GLU A 155 5.72 22.30 -6.72
N GLU A 156 5.19 22.23 -7.91
CA GLU A 156 4.48 21.02 -8.35
C GLU A 156 3.03 21.14 -7.95
N PHE A 157 2.76 21.88 -6.89
CA PHE A 157 1.39 22.11 -6.49
C PHE A 157 1.21 23.47 -5.84
N ASP A 158 1.88 24.46 -6.44
CA ASP A 158 1.84 25.85 -6.00
C ASP A 158 1.71 26.04 -4.50
N ASN A 159 2.58 25.39 -3.74
CA ASN A 159 2.56 25.49 -2.29
C ASN A 159 1.24 25.10 -1.65
N GLY A 160 0.59 24.09 -2.23
CA GLY A 160 -0.66 23.59 -1.71
C GLY A 160 -0.54 22.13 -1.28
N PHE A 161 -1.53 21.64 -0.54
CA PHE A 161 -1.52 20.27 -0.05
C PHE A 161 -2.94 19.69 -0.17
N LEU A 162 -3.16 18.81 -1.14
CA LEU A 162 -4.50 18.26 -1.32
C LEU A 162 -4.57 16.76 -1.03
N ILE A 163 -5.49 16.39 -0.14
CA ILE A 163 -5.68 14.99 0.22
C ILE A 163 -7.17 14.69 0.28
N SER A 164 -7.51 13.40 0.31
CA SER A 164 -8.90 12.94 0.43
C SER A 164 -8.99 12.23 1.77
N GLU A 165 -10.13 12.34 2.43
CA GLU A 165 -10.29 11.67 3.72
C GLU A 165 -11.58 10.86 3.78
N VAL A 166 -11.47 9.62 4.24
CA VAL A 166 -12.64 8.78 4.38
C VAL A 166 -12.80 8.32 5.84
N VAL A 167 -13.98 8.58 6.40
CA VAL A 167 -14.25 8.23 7.79
C VAL A 167 -15.30 7.12 7.88
N VAL A 168 -14.99 6.09 8.67
CA VAL A 168 -15.89 4.96 8.84
C VAL A 168 -15.92 4.59 10.30
N PRO A 169 -17.09 4.70 10.94
CA PRO A 169 -18.35 5.16 10.34
C PRO A 169 -18.19 6.61 9.90
N GLY A 170 -19.14 7.10 9.11
CA GLY A 170 -19.08 8.46 8.59
C GLY A 170 -18.99 9.56 9.63
N PHE A 171 -18.22 10.60 9.31
CA PHE A 171 -18.03 11.71 10.23
C PHE A 171 -19.30 12.32 10.81
N ASP A 172 -19.22 12.76 12.06
CA ASP A 172 -20.35 13.37 12.75
C ASP A 172 -19.69 14.23 13.83
N PHE A 173 -19.96 15.52 13.86
CA PHE A 173 -19.32 16.38 14.86
C PHE A 173 -19.46 15.92 16.30
N GLU A 174 -20.48 15.13 16.57
CA GLU A 174 -20.67 14.60 17.92
C GLU A 174 -19.50 13.68 18.25
N ASP A 175 -18.71 13.35 17.23
CA ASP A 175 -17.56 12.47 17.39
C ASP A 175 -16.23 13.22 17.29
N HIS A 176 -16.31 14.52 17.06
CA HIS A 176 -15.13 15.38 16.90
C HIS A 176 -14.80 16.22 18.15
N THR A 177 -13.53 16.31 18.51
CA THR A 177 -13.17 17.12 19.68
C THR A 177 -11.82 17.81 19.56
N PHE A 178 -11.82 19.12 19.77
CA PHE A 178 -10.61 19.94 19.68
C PHE A 178 -9.70 19.85 20.89
N LEU A 179 -8.40 19.89 20.67
CA LEU A 179 -7.44 19.88 21.76
C LEU A 179 -7.72 21.19 22.45
N LYS A 180 -7.92 21.17 23.76
CA LYS A 180 -8.22 22.38 24.49
C LYS A 180 -6.99 23.26 24.76
N GLY A 181 -6.59 24.01 23.73
CA GLY A 181 -5.45 24.90 23.83
C GLY A 181 -4.12 24.25 24.18
N GLU A 182 -3.12 25.08 24.47
CA GLU A 182 -1.78 24.61 24.82
C GLU A 182 -1.76 24.00 26.22
N ASP A 183 -2.80 24.28 27.00
CA ASP A 183 -2.90 23.76 28.35
C ASP A 183 -2.89 22.25 28.33
N GLU A 184 -3.95 21.69 27.76
CA GLU A 184 -4.09 20.25 27.66
C GLU A 184 -2.89 19.64 26.94
N LEU A 185 -2.22 20.44 26.15
CA LEU A 185 -1.04 19.97 25.42
C LEU A 185 0.04 19.75 26.46
N LYS A 186 0.18 20.70 27.37
CA LYS A 186 1.17 20.61 28.43
C LYS A 186 0.91 19.34 29.23
N HIS A 187 -0.37 19.06 29.46
CA HIS A 187 -0.75 17.87 30.22
C HIS A 187 -0.38 16.59 29.49
N LEU A 188 -0.46 16.62 28.16
CA LEU A 188 -0.15 15.45 27.33
C LEU A 188 1.31 15.23 26.98
N VAL A 189 2.03 16.31 26.69
CA VAL A 189 3.42 16.16 26.29
C VAL A 189 4.44 16.97 27.07
N GLY A 190 4.04 17.51 28.21
CA GLY A 190 4.96 18.31 28.99
C GLY A 190 5.05 19.70 28.41
N PRO A 191 5.48 20.69 29.20
CA PRO A 191 5.56 22.06 28.69
C PRO A 191 6.60 22.25 27.60
N GLU A 192 7.78 21.67 27.76
CA GLU A 192 8.85 21.84 26.79
C GLU A 192 8.44 21.40 25.39
N LYS A 193 7.75 20.28 25.27
CA LYS A 193 7.32 19.80 23.96
C LYS A 193 6.10 20.61 23.54
N ALA A 194 5.14 20.72 24.45
CA ALA A 194 3.92 21.48 24.20
C ALA A 194 4.25 22.81 23.55
N ALA A 195 5.25 23.49 24.10
CA ALA A 195 5.66 24.78 23.58
C ALA A 195 6.01 24.63 22.10
N GLU A 196 6.80 23.62 21.77
CA GLU A 196 7.21 23.40 20.39
C GLU A 196 6.04 23.21 19.44
N LEU A 197 5.05 22.43 19.87
CA LEU A 197 3.88 22.14 19.05
C LEU A 197 2.72 23.12 19.27
N ALA A 198 2.98 24.20 20.01
CA ALA A 198 1.94 25.18 20.31
C ALA A 198 1.31 25.82 19.08
N PHE A 199 2.09 25.98 18.02
CA PHE A 199 1.58 26.62 16.81
C PHE A 199 0.53 25.78 16.11
N LEU A 200 0.45 24.50 16.48
CA LEU A 200 -0.51 23.59 15.88
C LEU A 200 -1.77 23.46 16.74
N ALA A 201 -1.91 24.27 17.77
CA ALA A 201 -3.09 24.18 18.62
C ALA A 201 -3.78 25.52 18.79
N HIS A 202 -5.03 25.47 19.24
CA HIS A 202 -5.86 26.67 19.46
C HIS A 202 -5.35 27.65 20.52
N GLN B 6 -23.52 11.10 -11.72
CA GLN B 6 -23.03 11.15 -13.13
C GLN B 6 -22.77 12.58 -13.58
N GLU B 7 -22.00 13.31 -12.77
CA GLU B 7 -21.68 14.69 -13.09
C GLU B 7 -20.41 14.79 -13.92
N ALA B 8 -19.67 13.70 -14.00
CA ALA B 8 -18.43 13.67 -14.77
C ALA B 8 -18.72 13.95 -16.25
N ALA B 9 -17.87 14.77 -16.86
CA ALA B 9 -18.04 15.12 -18.27
C ALA B 9 -17.88 13.87 -19.13
N ASN B 10 -18.86 13.60 -19.99
CA ASN B 10 -18.81 12.43 -20.86
C ASN B 10 -17.58 12.50 -21.78
N ALA B 11 -16.77 11.45 -21.80
CA ALA B 11 -15.56 11.42 -22.61
C ALA B 11 -15.60 10.44 -23.77
N ALA B 12 -14.70 10.67 -24.73
CA ALA B 12 -14.60 9.83 -25.93
C ALA B 12 -13.68 8.63 -25.77
N ILE B 13 -14.26 7.44 -25.85
CA ILE B 13 -13.48 6.20 -25.71
C ILE B 13 -12.43 6.12 -26.82
N GLU B 14 -11.19 6.46 -26.52
CA GLU B 14 -10.12 6.42 -27.52
C GLU B 14 -8.79 5.89 -26.97
N PRO B 15 -8.62 4.55 -26.94
CA PRO B 15 -7.41 3.91 -26.43
C PRO B 15 -6.17 4.49 -27.06
N ALA B 16 -5.02 3.88 -26.74
CA ALA B 16 -3.75 4.32 -27.29
C ALA B 16 -3.02 3.06 -27.68
N SER B 17 -1.85 3.19 -28.28
CA SER B 17 -1.07 2.03 -28.68
C SER B 17 -0.98 1.06 -27.52
N PHE B 18 -0.58 1.60 -26.36
CA PHE B 18 -0.44 0.82 -25.13
C PHE B 18 -1.63 -0.09 -24.87
N VAL B 19 -2.78 0.54 -24.70
CA VAL B 19 -4.01 -0.18 -24.39
C VAL B 19 -4.28 -1.39 -25.28
N LYS B 20 -4.46 -1.16 -26.57
CA LYS B 20 -4.74 -2.26 -27.50
C LYS B 20 -3.55 -3.18 -27.67
N VAL B 21 -2.36 -2.60 -27.80
CA VAL B 21 -1.14 -3.39 -27.92
C VAL B 21 -0.27 -3.08 -26.71
N PRO B 22 -0.58 -3.73 -25.57
CA PRO B 22 0.17 -3.53 -24.33
C PRO B 22 1.64 -3.86 -24.46
N PRO B 24 5.43 -5.20 -23.28
CA PRO B 24 5.86 -6.49 -22.72
C PRO B 24 6.09 -6.41 -21.21
N GLU B 25 6.87 -5.42 -20.78
CA GLU B 25 7.18 -5.20 -19.38
C GLU B 25 6.88 -3.75 -19.07
N PRO B 26 6.76 -3.39 -17.79
CA PRO B 26 6.48 -1.98 -17.49
C PRO B 26 7.74 -1.15 -17.51
N PRO B 27 7.61 0.15 -17.75
CA PRO B 27 8.79 1.00 -17.78
C PRO B 27 9.51 1.02 -16.41
N SER B 28 10.83 0.99 -16.45
CA SER B 28 11.65 0.99 -15.26
C SER B 28 11.09 1.70 -14.02
N SER B 29 10.81 2.99 -14.14
CA SER B 29 10.29 3.76 -13.01
C SER B 29 9.07 3.12 -12.38
N LEU B 30 8.14 2.67 -13.21
CA LEU B 30 6.94 2.03 -12.72
C LEU B 30 7.27 0.66 -12.16
N GLN B 31 8.09 -0.09 -12.88
CA GLN B 31 8.52 -1.42 -12.46
C GLN B 31 9.15 -1.35 -11.07
N GLN B 32 9.90 -0.29 -10.84
CA GLN B 32 10.58 -0.10 -9.57
C GLN B 32 9.56 0.12 -8.48
N LEU B 33 8.54 0.91 -8.79
CA LEU B 33 7.47 1.19 -7.84
C LEU B 33 6.77 -0.12 -7.55
N ILE B 34 6.52 -0.89 -8.61
CA ILE B 34 5.87 -2.15 -8.43
C ILE B 34 6.68 -3.01 -7.45
N ASN B 35 8.00 -3.11 -7.65
CA ASN B 35 8.82 -3.91 -6.75
C ASN B 35 8.87 -3.36 -5.33
N ASP B 36 9.14 -2.07 -5.19
CA ASP B 36 9.22 -1.46 -3.88
C ASP B 36 7.94 -1.56 -3.06
N TRP B 37 6.80 -1.31 -3.68
CA TRP B 37 5.54 -1.35 -2.95
C TRP B 37 5.00 -2.76 -2.95
N GLN B 38 5.73 -3.66 -3.58
CA GLN B 38 5.31 -5.05 -3.63
C GLN B 38 3.89 -5.16 -4.14
N LEU B 39 3.66 -4.66 -5.35
CA LEU B 39 2.35 -4.69 -5.98
C LEU B 39 2.21 -5.94 -6.85
N ILE B 40 1.09 -6.63 -6.74
CA ILE B 40 0.88 -7.83 -7.52
C ILE B 40 -0.12 -7.58 -8.63
N LYS B 41 0.09 -8.25 -9.76
CA LYS B 41 -0.81 -8.10 -10.90
C LYS B 41 -2.18 -8.66 -10.53
N HIS B 42 -3.20 -7.81 -10.65
CA HIS B 42 -4.58 -8.14 -10.32
C HIS B 42 -5.26 -8.94 -11.40
N ARG B 43 -6.17 -9.80 -10.96
CA ARG B 43 -6.95 -10.65 -11.84
C ARG B 43 -7.53 -9.85 -13.01
N GLU B 44 -8.19 -8.75 -12.71
CA GLU B 44 -8.80 -7.91 -13.75
C GLU B 44 -7.76 -7.09 -14.50
N GLY B 45 -6.50 -7.20 -14.11
CA GLY B 45 -5.46 -6.42 -14.76
C GLY B 45 -4.96 -5.28 -13.88
N GLY B 46 -3.77 -4.79 -14.17
CA GLY B 46 -3.22 -3.73 -13.35
C GLY B 46 -2.57 -4.38 -12.14
N TYR B 47 -1.99 -3.59 -11.25
CA TYR B 47 -1.35 -4.12 -10.06
C TYR B 47 -2.03 -3.51 -8.86
N PHE B 48 -1.96 -4.19 -7.72
CA PHE B 48 -2.60 -3.66 -6.55
C PHE B 48 -1.99 -4.18 -5.28
N LYS B 49 -2.54 -3.70 -4.17
CA LYS B 49 -2.10 -4.13 -2.86
C LYS B 49 -3.11 -3.63 -1.86
N GLU B 50 -3.53 -4.51 -0.96
CA GLU B 50 -4.49 -4.11 0.05
C GLU B 50 -3.66 -3.49 1.17
N THR B 51 -3.79 -2.19 1.31
CA THR B 51 -3.03 -1.48 2.30
C THR B 51 -3.65 -1.41 3.66
N ASP B 52 -4.96 -1.32 3.73
CA ASP B 52 -5.58 -1.28 5.03
C ASP B 52 -6.91 -2.00 5.09
N ARG B 53 -7.05 -2.89 6.08
CA ARG B 53 -8.28 -3.63 6.29
C ARG B 53 -8.70 -3.40 7.74
N SER B 54 -9.64 -2.48 7.94
CA SER B 54 -10.12 -2.15 9.27
C SER B 54 -10.23 -3.32 10.23
N PRO B 55 -9.73 -3.14 11.45
CA PRO B 55 -9.75 -4.16 12.51
C PRO B 55 -11.14 -4.23 13.09
N TYR B 56 -11.89 -3.15 12.90
CA TYR B 56 -13.24 -3.04 13.41
C TYR B 56 -14.19 -3.65 12.42
N THR B 57 -15.23 -4.29 12.95
CA THR B 57 -16.19 -4.98 12.07
C THR B 57 -17.61 -4.46 12.18
N GLU B 59 -21.90 -5.84 11.15
CA GLU B 59 -22.80 -6.89 10.67
C GLU B 59 -23.60 -6.31 9.53
N VAL B 60 -23.70 -7.05 8.44
CA VAL B 60 -24.44 -6.55 7.30
C VAL B 60 -25.38 -7.62 6.79
N GLU B 61 -26.50 -7.18 6.23
CA GLU B 61 -27.49 -8.10 5.71
C GLU B 61 -27.19 -8.39 4.25
N LYS B 62 -27.06 -9.67 3.93
CA LYS B 62 -26.75 -10.08 2.56
C LYS B 62 -27.77 -11.12 2.07
N PRO B 63 -28.23 -10.96 0.82
CA PRO B 63 -29.20 -11.89 0.23
C PRO B 63 -28.56 -13.23 -0.14
N VAL B 64 -29.38 -14.23 -0.43
CA VAL B 64 -28.89 -15.55 -0.79
C VAL B 64 -29.85 -16.25 -1.75
N GLY B 69 -36.07 -13.33 -2.94
CA GLY B 69 -35.87 -12.62 -1.69
C GLY B 69 -35.04 -13.46 -0.72
N ASN B 70 -35.24 -13.24 0.58
CA ASN B 70 -34.54 -13.98 1.61
C ASN B 70 -33.06 -13.60 1.73
N THR B 71 -32.65 -13.21 2.95
CA THR B 71 -31.26 -12.81 3.20
C THR B 71 -30.75 -13.36 4.53
N GLU B 72 -29.50 -13.03 4.86
CA GLU B 72 -28.88 -13.47 6.11
C GLU B 72 -27.68 -12.61 6.49
N VAL B 74 -24.10 -11.15 8.02
CA VAL B 74 -22.72 -11.47 7.71
C VAL B 74 -21.80 -10.41 8.31
N THR B 75 -20.63 -10.83 8.81
CA THR B 75 -19.67 -9.88 9.38
C THR B 75 -18.63 -9.43 8.36
N ARG B 76 -18.35 -8.15 8.31
CA ARG B 76 -17.38 -7.65 7.35
C ARG B 76 -16.42 -6.69 8.03
N ASN B 77 -15.21 -6.56 7.51
CA ASN B 77 -14.35 -5.57 8.09
C ASN B 77 -15.10 -4.30 7.68
N GLN B 78 -15.05 -3.26 8.51
CA GLN B 78 -15.75 -2.04 8.18
C GLN B 78 -15.28 -1.42 6.86
N SER B 79 -14.01 -1.62 6.49
CA SER B 79 -13.53 -1.06 5.23
C SER B 79 -12.17 -1.58 4.77
N THR B 80 -11.96 -1.53 3.46
CA THR B 80 -10.69 -1.94 2.90
C THR B 80 -10.10 -0.83 2.03
N LEU B 81 -8.79 -0.71 2.07
CA LEU B 81 -8.07 0.32 1.31
C LEU B 81 -7.18 -0.38 0.30
N ILE B 82 -7.03 0.21 -0.87
CA ILE B 82 -6.23 -0.42 -1.91
C ILE B 82 -5.48 0.53 -2.84
N TYR B 83 -4.31 0.10 -3.31
CA TYR B 83 -3.49 0.86 -4.26
C TYR B 83 -3.75 0.20 -5.59
N TYR B 84 -4.29 0.93 -6.56
CA TYR B 84 -4.54 0.31 -7.87
C TYR B 84 -3.75 1.06 -8.93
N LEU B 85 -2.93 0.34 -9.69
CA LEU B 85 -2.08 0.94 -10.71
C LEU B 85 -2.19 0.31 -12.08
N LEU B 86 -2.38 1.14 -13.10
CA LEU B 86 -2.45 0.65 -14.48
C LEU B 86 -1.15 1.12 -15.13
N THR B 87 -0.51 0.25 -15.92
CA THR B 87 0.75 0.56 -16.59
C THR B 87 0.69 0.16 -18.07
N PRO B 88 1.55 0.77 -18.91
CA PRO B 88 1.51 0.40 -20.33
C PRO B 88 1.67 -1.08 -20.65
N ASP B 89 2.12 -1.86 -19.67
CA ASP B 89 2.31 -3.29 -19.89
C ASP B 89 1.08 -4.04 -19.37
N SER B 90 0.19 -3.31 -18.71
CA SER B 90 -1.04 -3.84 -18.12
C SER B 90 -1.90 -2.60 -17.94
N PRO B 91 -2.39 -2.04 -19.05
CA PRO B 91 -3.22 -0.83 -19.10
C PRO B 91 -4.72 -0.92 -18.94
N ILE B 92 -5.25 -2.08 -18.61
CA ILE B 92 -6.70 -2.16 -18.52
C ILE B 92 -7.27 -2.79 -17.27
N GLY B 93 -8.24 -2.09 -16.68
CA GLY B 93 -8.94 -2.60 -15.52
C GLY B 93 -10.20 -3.12 -16.18
N LYS B 94 -10.26 -4.43 -16.40
CA LYS B 94 -11.40 -5.05 -17.07
C LYS B 94 -12.71 -5.08 -16.31
N PHE B 95 -13.80 -4.81 -17.02
CA PHE B 95 -15.16 -4.77 -16.48
C PHE B 95 -15.44 -5.71 -15.32
N HIS B 96 -16.05 -5.18 -14.26
CA HIS B 96 -16.41 -5.97 -13.09
C HIS B 96 -17.36 -5.20 -12.15
N LYS B 97 -18.29 -5.94 -11.57
CA LYS B 97 -19.33 -5.43 -10.68
C LYS B 97 -18.91 -5.60 -9.24
N ASN B 98 -19.71 -5.03 -8.34
CA ASN B 98 -19.45 -5.15 -6.92
C ASN B 98 -20.71 -4.76 -6.15
N ILE B 99 -21.15 -5.66 -5.27
CA ILE B 99 -22.35 -5.43 -4.48
C ILE B 99 -22.36 -4.04 -3.85
N ASN B 100 -21.21 -3.59 -3.35
CA ASN B 100 -21.12 -2.29 -2.68
C ASN B 100 -20.48 -1.18 -3.49
N ARG B 101 -20.78 0.05 -3.10
CA ARG B 101 -20.26 1.24 -3.74
C ARG B 101 -18.78 1.34 -3.44
N ILE B 102 -18.01 1.85 -4.39
CA ILE B 102 -16.60 1.99 -4.17
C ILE B 102 -16.13 3.41 -4.44
N ILE B 103 -15.40 3.96 -3.48
CA ILE B 103 -14.88 5.31 -3.58
C ILE B 103 -13.55 5.24 -4.30
N HIS B 104 -13.34 6.09 -5.30
CA HIS B 104 -12.05 6.08 -6.01
C HIS B 104 -11.36 7.43 -5.84
N ILE B 105 -10.05 7.43 -5.58
CA ILE B 105 -9.34 8.69 -5.43
C ILE B 105 -8.08 8.73 -6.29
N LEU B 106 -8.06 9.65 -7.25
CA LEU B 106 -6.91 9.82 -8.15
C LEU B 106 -5.69 10.25 -7.37
N GLN B 107 -4.54 9.65 -7.70
CA GLN B 107 -3.29 10.01 -7.03
C GLN B 107 -2.21 10.44 -7.99
N ARG B 108 -2.00 9.66 -9.03
CA ARG B 108 -0.98 10.02 -10.00
C ARG B 108 -1.37 9.53 -11.39
N GLY B 109 -0.78 10.16 -12.39
CA GLY B 109 -1.05 9.77 -13.77
C GLY B 109 -2.40 10.25 -14.26
N LYS B 110 -2.89 9.58 -15.28
CA LYS B 110 -4.16 9.92 -15.89
C LYS B 110 -4.81 8.64 -16.38
N GLY B 111 -6.13 8.64 -16.45
CA GLY B 111 -6.81 7.45 -16.91
C GLY B 111 -8.23 7.75 -17.32
N GLN B 112 -8.93 6.72 -17.76
CA GLN B 112 -10.29 6.88 -18.19
C GLN B 112 -11.13 5.71 -17.71
N TYR B 113 -12.36 5.98 -17.31
CA TYR B 113 -13.24 4.94 -16.83
C TYR B 113 -14.42 4.77 -17.77
N VAL B 114 -14.94 3.55 -17.83
CA VAL B 114 -16.09 3.22 -18.66
C VAL B 114 -17.05 2.41 -17.82
N LEU B 115 -18.21 2.99 -17.53
CA LEU B 115 -19.23 2.33 -16.70
C LEU B 115 -20.40 1.88 -17.54
N VAL B 116 -21.03 0.81 -17.10
CA VAL B 116 -22.20 0.25 -17.79
C VAL B 116 -23.26 -0.09 -16.76
N TYR B 117 -24.26 0.79 -16.65
CA TYR B 117 -25.37 0.62 -15.72
C TYR B 117 -26.36 -0.41 -16.24
N PRO B 118 -26.93 -1.23 -15.33
CA PRO B 118 -27.90 -2.27 -15.68
C PRO B 118 -29.01 -1.85 -16.64
N ASP B 119 -29.15 -0.54 -16.85
CA ASP B 119 -30.18 -0.04 -17.76
C ASP B 119 -29.63 -0.07 -19.18
N GLY B 120 -28.35 -0.40 -19.31
CA GLY B 120 -27.70 -0.44 -20.61
C GLY B 120 -26.92 0.85 -20.80
N GLN B 121 -27.30 1.85 -20.02
CA GLN B 121 -26.69 3.17 -20.02
C GLN B 121 -25.17 3.04 -19.84
N VAL B 122 -24.39 3.76 -20.66
CA VAL B 122 -22.94 3.68 -20.59
C VAL B 122 -22.21 5.02 -20.51
N LYS B 123 -21.79 5.42 -19.32
CA LYS B 123 -21.06 6.67 -19.19
C LYS B 123 -19.57 6.42 -19.16
N SER B 124 -18.80 7.44 -19.54
CA SER B 124 -17.35 7.35 -19.57
C SER B 124 -16.73 8.71 -19.30
N PHE B 125 -15.77 8.75 -18.38
CA PHE B 125 -15.14 10.01 -18.03
C PHE B 125 -13.64 9.84 -17.81
N LYS B 126 -12.92 10.96 -17.77
CA LYS B 126 -11.48 10.91 -17.58
C LYS B 126 -11.06 11.30 -16.19
N VAL B 127 -10.05 10.60 -15.69
CA VAL B 127 -9.51 10.88 -14.37
C VAL B 127 -8.20 11.63 -14.55
N GLY B 128 -8.08 12.78 -13.90
CA GLY B 128 -6.88 13.59 -14.00
C GLY B 128 -7.10 14.81 -13.13
N PHE B 129 -6.09 15.66 -12.94
CA PHE B 129 -6.29 16.82 -12.09
C PHE B 129 -6.67 18.09 -12.83
N ASP B 130 -6.73 17.99 -14.16
CA ASP B 130 -7.08 19.12 -15.00
C ASP B 130 -8.61 19.14 -15.12
N TYR B 131 -9.26 19.57 -14.05
CA TYR B 131 -10.72 19.62 -13.97
C TYR B 131 -11.34 20.66 -14.89
N LYS B 132 -10.55 21.63 -15.31
CA LYS B 132 -11.06 22.65 -16.19
C LYS B 132 -11.33 22.03 -17.56
N ASN B 133 -11.14 20.71 -17.64
CA ASN B 133 -11.36 19.96 -18.88
C ASN B 133 -12.17 18.70 -18.62
N GLY B 134 -13.03 18.76 -17.61
CA GLY B 134 -13.87 17.63 -17.28
C GLY B 134 -13.22 16.45 -16.59
N GLU B 135 -11.91 16.52 -16.33
CA GLU B 135 -11.25 15.40 -15.66
C GLU B 135 -11.68 15.38 -14.20
N VAL B 136 -11.85 14.19 -13.64
CA VAL B 136 -12.26 14.09 -12.25
C VAL B 136 -11.16 13.43 -11.44
N SER B 137 -10.99 13.87 -10.20
CA SER B 137 -9.96 13.34 -9.32
C SER B 137 -10.49 12.40 -8.23
N GLN B 138 -11.80 12.27 -8.13
CA GLN B 138 -12.38 11.38 -7.16
C GLN B 138 -13.79 11.01 -7.63
N TRP B 139 -14.11 9.72 -7.60
CA TRP B 139 -15.40 9.26 -8.09
C TRP B 139 -15.93 8.02 -7.38
N VAL B 140 -17.25 8.00 -7.16
CA VAL B 140 -17.92 6.87 -6.51
C VAL B 140 -18.76 6.07 -7.51
N VAL B 141 -18.48 4.78 -7.63
CA VAL B 141 -19.24 3.92 -8.54
C VAL B 141 -20.24 3.13 -7.71
N PRO B 142 -21.54 3.30 -8.01
CA PRO B 142 -22.61 2.61 -7.29
C PRO B 142 -22.48 1.11 -7.40
N GLY B 143 -22.74 0.40 -6.32
CA GLY B 143 -22.67 -1.05 -6.38
C GLY B 143 -23.62 -1.43 -7.48
N GLY B 144 -23.41 -2.58 -8.11
CA GLY B 144 -24.31 -3.00 -9.17
C GLY B 144 -23.86 -2.62 -10.55
N VAL B 145 -23.13 -1.50 -10.65
CA VAL B 145 -22.62 -1.03 -11.94
C VAL B 145 -21.31 -1.71 -12.31
N PHE B 146 -21.16 -2.03 -13.60
CA PHE B 146 -19.96 -2.67 -14.10
C PHE B 146 -18.96 -1.59 -14.44
N LYS B 147 -17.74 -1.71 -13.94
CA LYS B 147 -16.75 -0.70 -14.23
C LYS B 147 -15.48 -1.25 -14.86
N ALA B 148 -14.99 -0.52 -15.83
CA ALA B 148 -13.75 -0.89 -16.51
C ALA B 148 -12.92 0.39 -16.53
N SER B 149 -11.60 0.28 -16.55
CA SER B 149 -10.76 1.46 -16.59
C SER B 149 -9.55 1.17 -17.45
N PHE B 150 -8.97 2.19 -18.06
CA PHE B 150 -7.79 1.98 -18.88
C PHE B 150 -6.85 3.17 -18.79
N LEU B 151 -5.57 2.88 -19.00
CA LEU B 151 -4.49 3.87 -18.93
C LEU B 151 -4.55 4.97 -19.99
N LEU B 152 -4.09 6.17 -19.63
CA LEU B 152 -4.06 7.28 -20.57
C LEU B 152 -2.66 7.85 -20.58
N PRO B 153 -2.00 7.85 -21.75
CA PRO B 153 -0.64 8.38 -21.82
C PRO B 153 -0.54 9.72 -21.11
N ASN B 154 0.51 9.89 -20.33
CA ASN B 154 0.76 11.11 -19.59
C ASN B 154 2.22 11.12 -19.20
N GLU B 155 2.77 12.31 -18.93
CA GLU B 155 4.19 12.44 -18.57
C GLU B 155 4.43 12.53 -17.08
N GLU B 156 3.55 13.24 -16.38
CA GLU B 156 3.64 13.42 -14.94
C GLU B 156 4.04 12.13 -14.22
N PHE B 157 3.39 11.04 -14.59
CA PHE B 157 3.64 9.76 -13.95
C PHE B 157 4.10 8.67 -14.92
N ASP B 158 5.01 9.03 -15.82
CA ASP B 158 5.57 8.09 -16.77
C ASP B 158 4.57 7.06 -17.31
N ASN B 159 3.44 7.54 -17.82
CA ASN B 159 2.42 6.66 -18.38
C ASN B 159 1.88 5.64 -17.38
N GLY B 160 1.72 6.07 -16.13
CA GLY B 160 1.19 5.19 -15.12
C GLY B 160 -0.12 5.79 -14.68
N PHE B 161 -0.91 5.03 -13.94
CA PHE B 161 -2.18 5.54 -13.45
C PHE B 161 -2.40 4.92 -12.09
N LEU B 162 -2.25 5.74 -11.05
CA LEU B 162 -2.38 5.25 -9.69
C LEU B 162 -3.52 5.89 -8.88
N ILE B 163 -4.38 5.05 -8.34
CA ILE B 163 -5.50 5.50 -7.54
C ILE B 163 -5.58 4.66 -6.27
N SER B 164 -6.50 5.05 -5.39
CA SER B 164 -6.78 4.34 -4.16
C SER B 164 -8.27 4.06 -4.20
N GLU B 165 -8.68 2.91 -3.68
CA GLU B 165 -10.07 2.51 -3.66
C GLU B 165 -10.50 2.14 -2.25
N VAL B 166 -11.60 2.70 -1.77
CA VAL B 166 -12.11 2.34 -0.46
C VAL B 166 -13.47 1.67 -0.62
N VAL B 167 -13.61 0.50 -0.01
CA VAL B 167 -14.85 -0.26 -0.06
C VAL B 167 -15.37 -0.40 1.35
N VAL B 168 -16.63 -0.07 1.57
CA VAL B 168 -17.24 -0.16 2.89
C VAL B 168 -18.69 -0.60 2.73
N PRO B 169 -19.05 -1.76 3.28
CA PRO B 169 -18.23 -2.71 4.04
C PRO B 169 -16.98 -3.15 3.30
N GLY B 170 -16.01 -3.64 4.07
CA GLY B 170 -14.76 -4.11 3.52
C GLY B 170 -14.94 -5.21 2.49
N PHE B 171 -14.09 -5.18 1.47
CA PHE B 171 -14.14 -6.14 0.38
C PHE B 171 -14.16 -7.62 0.77
N ASP B 172 -15.06 -8.36 0.13
CA ASP B 172 -15.19 -9.79 0.33
C ASP B 172 -15.43 -10.35 -1.07
N PHE B 173 -14.89 -11.52 -1.36
CA PHE B 173 -15.04 -12.10 -2.69
C PHE B 173 -16.48 -12.38 -3.13
N GLU B 174 -17.40 -12.54 -2.18
CA GLU B 174 -18.78 -12.78 -2.58
C GLU B 174 -19.31 -11.49 -3.22
N ASP B 175 -18.74 -10.37 -2.83
CA ASP B 175 -19.16 -9.06 -3.34
C ASP B 175 -18.65 -8.81 -4.75
N HIS B 176 -17.80 -9.70 -5.24
CA HIS B 176 -17.19 -9.53 -6.56
C HIS B 176 -17.71 -10.48 -7.64
N THR B 177 -17.73 -9.98 -8.86
CA THR B 177 -18.15 -10.75 -10.04
C THR B 177 -17.61 -9.98 -11.24
N PHE B 178 -17.31 -10.68 -12.33
CA PHE B 178 -16.77 -10.01 -13.52
C PHE B 178 -17.36 -10.62 -14.79
N LEU B 179 -18.18 -9.85 -15.50
CA LEU B 179 -18.82 -10.33 -16.71
C LEU B 179 -17.82 -10.95 -17.67
N LYS B 180 -18.24 -12.03 -18.33
CA LYS B 180 -17.41 -12.78 -19.27
C LYS B 180 -17.66 -12.46 -20.74
N GLY B 181 -16.61 -12.57 -21.54
CA GLY B 181 -16.70 -12.31 -22.97
C GLY B 181 -17.54 -11.09 -23.32
N GLU B 182 -17.99 -11.03 -24.57
CA GLU B 182 -18.82 -9.91 -25.00
C GLU B 182 -20.30 -10.31 -25.03
N ASP B 183 -20.56 -11.61 -24.92
CA ASP B 183 -21.93 -12.12 -24.93
C ASP B 183 -22.74 -11.39 -23.87
N GLU B 184 -22.25 -11.42 -22.64
CA GLU B 184 -22.92 -10.76 -21.54
C GLU B 184 -22.87 -9.26 -21.77
N LEU B 185 -21.83 -8.80 -22.47
CA LEU B 185 -21.68 -7.38 -22.77
C LEU B 185 -22.77 -6.95 -23.75
N LYS B 186 -23.15 -7.86 -24.65
CA LYS B 186 -24.19 -7.59 -25.64
C LYS B 186 -25.56 -7.43 -25.00
N HIS B 187 -25.91 -8.34 -24.10
CA HIS B 187 -27.19 -8.28 -23.41
C HIS B 187 -27.15 -7.23 -22.30
N LEU B 188 -26.35 -6.19 -22.54
CA LEU B 188 -26.20 -5.06 -21.61
C LEU B 188 -26.08 -3.80 -22.44
N VAL B 189 -25.59 -3.96 -23.66
CA VAL B 189 -25.41 -2.84 -24.58
C VAL B 189 -25.55 -3.40 -26.00
N GLY B 190 -26.01 -2.57 -26.93
CA GLY B 190 -26.16 -3.02 -28.30
C GLY B 190 -24.93 -3.80 -28.71
N PRO B 191 -25.08 -4.96 -29.37
CA PRO B 191 -23.93 -5.75 -29.80
C PRO B 191 -22.93 -4.90 -30.57
N GLU B 192 -23.42 -3.75 -31.02
CA GLU B 192 -22.64 -2.78 -31.77
C GLU B 192 -21.79 -1.95 -30.81
N LYS B 193 -22.44 -1.17 -29.95
CA LYS B 193 -21.76 -0.34 -28.96
C LYS B 193 -20.82 -1.22 -28.13
N ALA B 194 -21.18 -2.50 -28.03
CA ALA B 194 -20.38 -3.46 -27.28
C ALA B 194 -19.05 -3.69 -27.99
N ALA B 195 -19.10 -3.86 -29.31
CA ALA B 195 -17.90 -4.08 -30.11
C ALA B 195 -16.83 -3.07 -29.72
N GLU B 196 -17.23 -1.80 -29.61
CA GLU B 196 -16.31 -0.74 -29.23
C GLU B 196 -15.74 -0.97 -27.82
N LEU B 197 -16.61 -1.36 -26.89
CA LEU B 197 -16.21 -1.62 -25.52
C LEU B 197 -15.81 -3.07 -25.32
N ALA B 198 -15.06 -3.61 -26.28
CA ALA B 198 -14.64 -5.01 -26.21
C ALA B 198 -13.30 -5.23 -25.50
N PHE B 199 -12.35 -4.32 -25.72
CA PHE B 199 -11.04 -4.42 -25.11
C PHE B 199 -11.06 -4.38 -23.58
N LEU B 200 -12.22 -4.06 -23.03
CA LEU B 200 -12.37 -3.98 -21.58
C LEU B 200 -13.08 -5.21 -21.06
N ALA B 201 -13.28 -6.19 -21.91
CA ALA B 201 -13.97 -7.41 -21.51
C ALA B 201 -13.06 -8.62 -21.42
N HIS B 202 -13.47 -9.71 -22.05
CA HIS B 202 -12.72 -10.97 -22.08
C HIS B 202 -11.22 -10.80 -21.83
N ALA C 9 19.46 -1.95 -3.30
CA ALA C 9 18.47 -0.87 -2.96
C ALA C 9 18.38 -0.71 -1.44
N ASN C 10 19.05 0.32 -0.92
CA ASN C 10 19.09 0.64 0.50
C ASN C 10 19.68 -0.50 1.35
N ALA C 11 20.35 -0.16 2.45
CA ALA C 11 20.96 -1.14 3.33
C ALA C 11 22.24 -1.64 2.69
N ALA C 12 23.35 -1.01 3.06
CA ALA C 12 24.66 -1.36 2.53
C ALA C 12 25.02 -2.80 2.82
N ILE C 13 25.83 -3.38 1.96
CA ILE C 13 26.24 -4.77 2.16
C ILE C 13 27.69 -4.76 2.65
N GLU C 14 27.87 -4.96 3.95
CA GLU C 14 29.19 -4.96 4.53
C GLU C 14 29.34 -6.16 5.44
N PRO C 15 29.49 -7.37 4.86
CA PRO C 15 29.63 -8.64 5.57
C PRO C 15 30.68 -8.62 6.67
N ALA C 16 30.46 -9.42 7.71
CA ALA C 16 31.42 -9.51 8.80
C ALA C 16 32.51 -10.49 8.34
N SER C 17 33.51 -10.68 9.19
CA SER C 17 34.62 -11.57 8.86
C SER C 17 34.21 -13.02 8.65
N PHE C 18 33.31 -13.51 9.50
CA PHE C 18 32.87 -14.90 9.38
C PHE C 18 31.94 -15.14 8.20
N VAL C 19 31.46 -14.07 7.60
CA VAL C 19 30.59 -14.18 6.45
C VAL C 19 31.46 -14.40 5.24
N LYS C 20 32.63 -13.77 5.27
CA LYS C 20 33.59 -13.87 4.18
C LYS C 20 34.38 -15.16 4.33
N VAL C 21 34.93 -15.37 5.51
CA VAL C 21 35.70 -16.57 5.80
C VAL C 21 34.99 -17.25 6.95
N PRO C 22 34.03 -18.14 6.64
CA PRO C 22 33.29 -18.86 7.67
C PRO C 22 34.12 -19.68 8.63
N PRO C 24 35.15 -22.91 10.93
CA PRO C 24 35.13 -24.32 10.56
C PRO C 24 33.96 -25.10 11.15
N GLU C 25 33.57 -24.79 12.39
CA GLU C 25 32.46 -25.47 13.04
C GLU C 25 31.61 -24.49 13.88
N PRO C 26 30.30 -24.72 13.94
CA PRO C 26 29.42 -23.84 14.72
C PRO C 26 29.79 -23.78 16.19
N PRO C 27 29.68 -22.60 16.79
CA PRO C 27 30.01 -22.48 18.22
C PRO C 27 29.13 -23.43 19.04
N SER C 28 29.67 -23.99 20.11
CA SER C 28 28.96 -24.93 20.96
C SER C 28 27.48 -24.67 21.12
N SER C 29 27.15 -23.46 21.54
CA SER C 29 25.76 -23.06 21.75
C SER C 29 24.90 -23.51 20.59
N LEU C 30 25.34 -23.17 19.37
CA LEU C 30 24.61 -23.50 18.16
C LEU C 30 24.72 -24.96 17.68
N GLN C 31 25.81 -25.64 18.03
CA GLN C 31 25.99 -27.03 17.65
C GLN C 31 24.89 -27.82 18.32
N GLN C 32 24.69 -27.54 19.61
CA GLN C 32 23.66 -28.20 20.39
C GLN C 32 22.32 -28.05 19.71
N LEU C 33 21.95 -26.81 19.43
CA LEU C 33 20.68 -26.53 18.77
C LEU C 33 20.57 -27.41 17.53
N ILE C 34 21.60 -27.38 16.69
CA ILE C 34 21.61 -28.17 15.47
C ILE C 34 21.38 -29.66 15.79
N ASN C 35 22.20 -30.20 16.70
CA ASN C 35 22.06 -31.60 17.09
C ASN C 35 20.71 -31.91 17.72
N ASP C 36 20.27 -31.09 18.67
CA ASP C 36 19.01 -31.32 19.36
C ASP C 36 17.76 -31.28 18.45
N TRP C 37 17.65 -30.26 17.62
CA TRP C 37 16.51 -30.11 16.73
C TRP C 37 16.67 -30.97 15.50
N GLN C 38 17.86 -31.52 15.32
CA GLN C 38 18.18 -32.37 14.16
C GLN C 38 18.07 -31.57 12.84
N LEU C 39 18.72 -30.42 12.82
CA LEU C 39 18.75 -29.57 11.64
C LEU C 39 19.86 -30.05 10.74
N ILE C 40 19.57 -30.12 9.45
CA ILE C 40 20.51 -30.59 8.44
C ILE C 40 21.01 -29.40 7.66
N LYS C 41 22.24 -29.49 7.15
CA LYS C 41 22.83 -28.41 6.36
C LYS C 41 22.04 -28.33 5.04
N HIS C 42 21.62 -27.12 4.66
CA HIS C 42 20.85 -26.96 3.43
C HIS C 42 21.74 -26.85 2.21
N ARG C 43 21.24 -27.36 1.08
CA ARG C 43 22.00 -27.33 -0.17
C ARG C 43 22.46 -25.92 -0.49
N GLU C 44 21.64 -24.96 -0.10
CA GLU C 44 21.90 -23.55 -0.37
C GLU C 44 22.60 -22.82 0.76
N GLY C 45 23.02 -23.55 1.79
CA GLY C 45 23.70 -22.93 2.91
C GLY C 45 22.81 -22.78 4.13
N GLY C 46 23.43 -22.84 5.31
CA GLY C 46 22.67 -22.73 6.54
C GLY C 46 22.13 -24.09 6.96
N TYR C 47 21.33 -24.12 8.03
CA TYR C 47 20.75 -25.37 8.51
C TYR C 47 19.24 -25.27 8.51
N PHE C 48 18.56 -26.36 8.22
CA PHE C 48 17.12 -26.32 8.18
C PHE C 48 16.45 -27.59 8.66
N LYS C 49 15.13 -27.58 8.59
CA LYS C 49 14.31 -28.71 8.96
C LYS C 49 12.89 -28.33 8.66
N GLU C 50 12.18 -29.22 7.97
CA GLU C 50 10.79 -28.99 7.64
C GLU C 50 10.04 -29.40 8.90
N THR C 51 9.41 -28.44 9.56
CA THR C 51 8.71 -28.71 10.80
C THR C 51 7.26 -29.10 10.63
N ASP C 52 6.64 -28.57 9.59
CA ASP C 52 5.24 -28.87 9.34
C ASP C 52 4.87 -28.82 7.87
N ARG C 53 4.07 -29.79 7.46
CA ARG C 53 3.63 -29.89 6.09
C ARG C 53 2.15 -30.24 6.24
N SER C 54 1.28 -29.27 5.97
CA SER C 54 -0.15 -29.47 6.11
C SER C 54 -0.69 -30.73 5.47
N PRO C 55 -1.45 -31.52 6.24
CA PRO C 55 -2.03 -32.77 5.75
C PRO C 55 -3.09 -32.41 4.70
N TYR C 56 -3.50 -31.14 4.71
CA TYR C 56 -4.51 -30.65 3.78
C TYR C 56 -3.86 -30.28 2.47
N THR C 57 -4.53 -30.62 1.37
CA THR C 57 -3.99 -30.35 0.05
C THR C 57 -4.80 -29.31 -0.68
N GLU C 59 -5.39 -27.92 -5.07
CA GLU C 59 -5.06 -28.09 -6.49
C GLU C 59 -4.52 -26.80 -7.08
N VAL C 60 -3.41 -26.90 -7.79
CA VAL C 60 -2.76 -25.74 -8.38
C VAL C 60 -2.62 -25.89 -9.89
N GLU C 61 -2.41 -24.78 -10.58
CA GLU C 61 -2.23 -24.79 -12.03
C GLU C 61 -0.75 -24.62 -12.37
N LYS C 62 -0.23 -25.48 -13.24
CA LYS C 62 1.17 -25.40 -13.64
C LYS C 62 1.32 -25.57 -15.16
N PRO C 63 2.41 -25.05 -15.74
CA PRO C 63 2.69 -25.13 -17.18
C PRO C 63 3.10 -26.53 -17.64
N THR C 71 -2.45 -26.15 -19.82
CA THR C 71 -1.84 -26.33 -18.50
C THR C 71 -2.43 -27.55 -17.78
N GLU C 72 -1.84 -27.89 -16.65
CA GLU C 72 -2.31 -29.02 -15.86
C GLU C 72 -2.60 -28.62 -14.43
N VAL C 74 -2.05 -29.73 -10.46
CA VAL C 74 -1.20 -30.52 -9.57
C VAL C 74 -1.63 -30.27 -8.14
N THR C 75 -1.65 -31.32 -7.33
CA THR C 75 -2.05 -31.16 -5.94
C THR C 75 -0.82 -30.94 -5.05
N ARG C 76 -0.94 -29.99 -4.12
CA ARG C 76 0.13 -29.65 -3.21
C ARG C 76 -0.35 -29.61 -1.74
N ASN C 77 0.58 -29.58 -0.78
CA ASN C 77 0.19 -29.50 0.62
C ASN C 77 -0.14 -28.03 0.82
N GLN C 78 -1.27 -27.75 1.44
CA GLN C 78 -1.66 -26.36 1.65
C GLN C 78 -0.49 -25.48 2.13
N SER C 79 0.27 -25.93 3.12
CA SER C 79 1.39 -25.12 3.59
C SER C 79 2.62 -25.94 4.01
N THR C 80 3.74 -25.26 4.12
CA THR C 80 4.98 -25.89 4.50
C THR C 80 5.71 -24.97 5.46
N LEU C 81 6.21 -25.51 6.56
CA LEU C 81 6.91 -24.69 7.56
C LEU C 81 8.31 -25.20 7.85
N ILE C 82 9.27 -24.28 8.02
CA ILE C 82 10.63 -24.69 8.33
C ILE C 82 11.35 -23.77 9.31
N TYR C 83 12.49 -24.24 9.78
CA TYR C 83 13.34 -23.48 10.68
C TYR C 83 14.56 -23.22 9.80
N TYR C 84 14.99 -21.97 9.71
CA TYR C 84 16.16 -21.68 8.90
C TYR C 84 17.15 -21.00 9.80
N LEU C 85 18.38 -21.52 9.80
CA LEU C 85 19.42 -21.02 10.66
C LEU C 85 20.77 -20.78 10.00
N LEU C 86 21.27 -19.55 10.15
CA LEU C 86 22.59 -19.22 9.63
C LEU C 86 23.50 -19.26 10.84
N THR C 87 24.70 -19.78 10.66
CA THR C 87 25.66 -19.89 11.75
C THR C 87 26.96 -19.34 11.25
N PRO C 88 27.91 -19.11 12.16
CA PRO C 88 29.17 -18.57 11.63
C PRO C 88 29.96 -19.55 10.77
N ASP C 89 29.72 -20.84 10.90
CA ASP C 89 30.44 -21.82 10.08
C ASP C 89 29.67 -22.02 8.78
N SER C 90 28.52 -21.36 8.69
CA SER C 90 27.65 -21.42 7.52
C SER C 90 26.75 -20.16 7.58
N PRO C 91 27.34 -18.99 7.32
CA PRO C 91 26.65 -17.68 7.35
C PRO C 91 25.87 -17.23 6.12
N ILE C 92 25.85 -18.00 5.05
CA ILE C 92 25.15 -17.58 3.85
C ILE C 92 24.07 -18.48 3.27
N GLY C 93 22.98 -17.85 2.86
CA GLY C 93 21.90 -18.55 2.20
C GLY C 93 22.08 -18.06 0.77
N LYS C 94 22.66 -18.89 -0.09
CA LYS C 94 22.91 -18.46 -1.45
C LYS C 94 21.70 -18.32 -2.33
N PHE C 95 21.74 -17.32 -3.20
CA PHE C 95 20.67 -17.01 -4.13
C PHE C 95 19.89 -18.18 -4.66
N HIS C 96 18.61 -18.19 -4.37
CA HIS C 96 17.73 -19.22 -4.87
C HIS C 96 16.40 -18.51 -5.03
N LYS C 97 15.51 -19.12 -5.81
CA LYS C 97 14.23 -18.52 -6.11
C LYS C 97 13.13 -19.57 -5.97
N ASN C 98 11.95 -19.13 -5.57
CA ASN C 98 10.83 -20.04 -5.42
C ASN C 98 9.63 -19.54 -6.23
N ILE C 99 8.89 -20.45 -6.84
CA ILE C 99 7.72 -20.09 -7.65
C ILE C 99 6.67 -19.31 -6.85
N ASN C 100 6.52 -19.65 -5.57
CA ASN C 100 5.54 -19.03 -4.70
C ASN C 100 6.12 -18.04 -3.68
N ARG C 101 5.27 -17.11 -3.22
CA ARG C 101 5.69 -16.12 -2.24
C ARG C 101 6.00 -16.84 -0.94
N ILE C 102 6.94 -16.30 -0.17
CA ILE C 102 7.33 -16.91 1.09
C ILE C 102 7.34 -15.93 2.26
N ILE C 103 6.62 -16.31 3.31
CA ILE C 103 6.49 -15.54 4.54
C ILE C 103 7.68 -15.79 5.47
N HIS C 104 8.39 -14.74 5.89
CA HIS C 104 9.52 -14.97 6.79
C HIS C 104 9.24 -14.37 8.17
N ILE C 105 9.46 -15.15 9.22
CA ILE C 105 9.23 -14.67 10.57
C ILE C 105 10.51 -14.77 11.39
N LEU C 106 11.02 -13.63 11.81
CA LEU C 106 12.25 -13.57 12.60
C LEU C 106 12.06 -14.11 14.00
N GLN C 107 12.89 -15.06 14.41
CA GLN C 107 12.78 -15.63 15.74
C GLN C 107 13.90 -15.20 16.68
N ARG C 108 15.15 -15.38 16.27
CA ARG C 108 16.27 -14.98 17.10
C ARG C 108 17.48 -14.57 16.28
N GLY C 109 18.23 -13.60 16.78
CA GLY C 109 19.41 -13.16 16.08
C GLY C 109 19.29 -11.93 15.20
N LYS C 110 20.10 -11.87 14.16
CA LYS C 110 20.13 -10.76 13.22
C LYS C 110 20.70 -11.25 11.89
N GLY C 111 20.29 -10.63 10.80
CA GLY C 111 20.76 -11.06 9.50
C GLY C 111 20.36 -10.08 8.41
N GLN C 112 20.88 -10.28 7.20
CA GLN C 112 20.55 -9.39 6.11
C GLN C 112 20.09 -10.11 4.86
N TYR C 113 19.08 -9.55 4.18
CA TYR C 113 18.56 -10.15 2.96
C TYR C 113 18.89 -9.30 1.74
N VAL C 114 19.30 -9.98 0.69
CA VAL C 114 19.61 -9.35 -0.58
C VAL C 114 18.76 -10.10 -1.57
N LEU C 115 17.90 -9.38 -2.30
CA LEU C 115 17.06 -10.04 -3.27
C LEU C 115 17.08 -9.30 -4.59
N VAL C 116 17.11 -10.08 -5.66
CA VAL C 116 17.19 -9.55 -7.00
C VAL C 116 15.91 -9.89 -7.77
N TYR C 117 15.24 -8.88 -8.32
CA TYR C 117 14.02 -9.12 -9.08
C TYR C 117 14.36 -9.48 -10.51
N PRO C 118 13.45 -10.18 -11.21
CA PRO C 118 13.80 -10.52 -12.59
C PRO C 118 14.14 -9.30 -13.46
N ASP C 119 13.51 -8.16 -13.23
CA ASP C 119 13.84 -6.98 -14.04
C ASP C 119 15.22 -6.47 -13.72
N GLY C 120 15.93 -7.14 -12.83
CA GLY C 120 17.28 -6.72 -12.50
C GLY C 120 17.46 -5.84 -11.28
N GLN C 121 16.38 -5.32 -10.72
CA GLN C 121 16.48 -4.48 -9.53
C GLN C 121 17.07 -5.31 -8.41
N VAL C 122 17.81 -4.66 -7.54
CA VAL C 122 18.43 -5.35 -6.42
C VAL C 122 18.14 -4.61 -5.12
N LYS C 123 17.58 -5.29 -4.14
CA LYS C 123 17.34 -4.59 -2.88
C LYS C 123 17.83 -5.35 -1.66
N SER C 124 18.22 -4.59 -0.65
CA SER C 124 18.72 -5.22 0.55
C SER C 124 18.13 -4.55 1.78
N PHE C 125 17.85 -5.35 2.80
CA PHE C 125 17.29 -4.83 4.03
C PHE C 125 17.72 -5.73 5.20
N LYS C 126 17.94 -5.13 6.36
CA LYS C 126 18.35 -5.88 7.53
C LYS C 126 17.16 -6.48 8.28
N VAL C 127 17.39 -7.63 8.92
CA VAL C 127 16.37 -8.30 9.69
C VAL C 127 16.78 -8.31 11.15
N GLY C 128 15.88 -7.84 12.02
CA GLY C 128 16.15 -7.78 13.44
C GLY C 128 15.00 -7.13 14.17
N PHE C 129 15.08 -7.10 15.50
CA PHE C 129 14.02 -6.51 16.29
C PHE C 129 14.12 -5.01 16.56
N ASP C 130 15.25 -4.39 16.28
CA ASP C 130 15.39 -2.97 16.56
C ASP C 130 14.25 -2.16 15.98
N TYR C 131 13.99 -2.32 14.69
CA TYR C 131 12.90 -1.63 14.02
C TYR C 131 12.91 -0.10 14.15
N LYS C 132 13.33 0.42 15.30
CA LYS C 132 13.41 1.86 15.48
C LYS C 132 14.58 2.26 14.58
N ASN C 133 15.48 1.29 14.38
CA ASN C 133 16.65 1.47 13.54
C ASN C 133 16.50 0.81 12.18
N GLY C 134 15.25 0.53 11.82
CA GLY C 134 14.96 -0.05 10.52
C GLY C 134 15.05 -1.54 10.34
N GLU C 135 15.17 -2.30 11.42
CA GLU C 135 15.23 -3.75 11.27
C GLU C 135 13.78 -4.24 11.16
N VAL C 136 13.57 -5.30 10.41
CA VAL C 136 12.23 -5.82 10.23
C VAL C 136 12.14 -7.23 10.85
N SER C 137 10.99 -7.56 11.45
CA SER C 137 10.78 -8.86 12.10
C SER C 137 9.99 -9.82 11.23
N GLN C 138 9.28 -9.28 10.25
CA GLN C 138 8.49 -10.11 9.34
C GLN C 138 8.79 -9.63 7.94
N TRP C 139 8.86 -10.54 6.97
CA TRP C 139 9.09 -10.11 5.60
C TRP C 139 8.66 -11.14 4.58
N VAL C 140 8.02 -10.67 3.52
CA VAL C 140 7.54 -11.52 2.44
C VAL C 140 8.31 -11.25 1.16
N VAL C 141 8.88 -12.28 0.55
CA VAL C 141 9.54 -12.06 -0.72
C VAL C 141 8.68 -12.77 -1.76
N PRO C 142 8.15 -12.00 -2.72
CA PRO C 142 7.28 -12.48 -3.80
C PRO C 142 7.92 -13.61 -4.56
N GLY C 143 7.08 -14.51 -5.08
CA GLY C 143 7.59 -15.62 -5.86
C GLY C 143 8.37 -15.10 -7.07
N GLY C 144 9.33 -15.88 -7.52
CA GLY C 144 10.11 -15.46 -8.68
C GLY C 144 11.24 -14.50 -8.38
N VAL C 145 11.44 -14.17 -7.11
CA VAL C 145 12.50 -13.25 -6.75
C VAL C 145 13.69 -13.99 -6.13
N PHE C 146 14.87 -13.80 -6.69
CA PHE C 146 16.04 -14.46 -6.15
C PHE C 146 16.36 -13.86 -4.79
N LYS C 147 16.64 -14.71 -3.82
CA LYS C 147 16.97 -14.20 -2.50
C LYS C 147 18.18 -14.90 -1.90
N ALA C 148 18.90 -14.14 -1.10
CA ALA C 148 20.09 -14.62 -0.43
C ALA C 148 20.05 -13.93 0.92
N SER C 149 20.87 -14.39 1.86
CA SER C 149 20.90 -13.78 3.18
C SER C 149 22.17 -14.15 3.88
N PHE C 150 22.70 -13.22 4.67
CA PHE C 150 23.89 -13.51 5.41
C PHE C 150 23.70 -13.11 6.86
N LEU C 151 24.38 -13.85 7.73
CA LEU C 151 24.33 -13.65 9.16
C LEU C 151 25.09 -12.40 9.56
N LEU C 152 24.50 -11.62 10.46
CA LEU C 152 25.12 -10.39 10.98
C LEU C 152 25.51 -10.67 12.41
N PRO C 153 26.63 -10.09 12.87
CA PRO C 153 27.05 -10.33 14.26
C PRO C 153 26.01 -9.80 15.25
N ASN C 154 25.80 -10.54 16.33
CA ASN C 154 24.84 -10.14 17.35
C ASN C 154 25.10 -10.95 18.64
N GLU C 155 25.02 -10.30 19.78
CA GLU C 155 25.27 -10.99 21.04
C GLU C 155 24.09 -11.81 21.50
N GLU C 156 22.88 -11.33 21.22
CA GLU C 156 21.68 -12.02 21.67
C GLU C 156 21.57 -13.48 21.25
N PHE C 157 22.35 -13.92 20.29
CA PHE C 157 22.26 -15.31 19.85
C PHE C 157 23.61 -15.89 19.37
N ASP C 158 24.69 -15.49 20.03
CA ASP C 158 26.03 -15.95 19.65
C ASP C 158 26.23 -15.95 18.15
N ASN C 159 25.94 -14.80 17.53
CA ASN C 159 26.11 -14.69 16.09
C ASN C 159 25.32 -15.76 15.35
N GLY C 160 24.10 -16.00 15.80
CA GLY C 160 23.25 -16.98 15.17
C GLY C 160 22.07 -16.24 14.57
N PHE C 161 21.45 -16.82 13.54
CA PHE C 161 20.32 -16.18 12.89
C PHE C 161 19.26 -17.26 12.72
N LEU C 162 18.19 -17.15 13.50
CA LEU C 162 17.12 -18.14 13.45
C LEU C 162 15.76 -17.55 13.07
N ILE C 163 15.16 -18.09 12.01
CA ILE C 163 13.87 -17.63 11.54
C ILE C 163 13.03 -18.82 11.15
N SER C 164 11.78 -18.57 10.78
CA SER C 164 10.89 -19.62 10.33
C SER C 164 10.31 -19.10 9.05
N GLU C 165 10.09 -20.01 8.10
CA GLU C 165 9.53 -19.67 6.80
C GLU C 165 8.25 -20.46 6.62
N VAL C 166 7.29 -19.87 5.91
CA VAL C 166 6.04 -20.54 5.64
C VAL C 166 5.73 -20.32 4.19
N VAL C 167 5.62 -21.40 3.44
CA VAL C 167 5.33 -21.30 2.03
C VAL C 167 3.98 -21.91 1.70
N VAL C 168 3.17 -21.18 0.95
CA VAL C 168 1.89 -21.71 0.56
C VAL C 168 1.63 -21.29 -0.90
N PRO C 169 1.29 -22.26 -1.76
CA PRO C 169 1.14 -23.69 -1.46
C PRO C 169 2.43 -24.27 -0.89
N GLY C 170 2.31 -25.37 -0.15
CA GLY C 170 3.47 -26.03 0.43
C GLY C 170 4.62 -26.29 -0.53
N PHE C 171 5.83 -26.29 0.01
CA PHE C 171 7.02 -26.48 -0.80
C PHE C 171 7.01 -27.69 -1.70
N ASP C 172 7.67 -27.55 -2.84
CA ASP C 172 7.83 -28.66 -3.79
C ASP C 172 9.07 -28.39 -4.64
N PHE C 173 9.88 -29.43 -4.85
CA PHE C 173 11.12 -29.27 -5.60
C PHE C 173 10.99 -28.58 -6.96
N GLU C 174 9.82 -28.67 -7.57
CA GLU C 174 9.64 -28.04 -8.87
C GLU C 174 9.47 -26.54 -8.74
N ASP C 175 8.98 -26.09 -7.60
CA ASP C 175 8.77 -24.67 -7.40
C ASP C 175 10.05 -24.03 -6.90
N HIS C 176 11.16 -24.76 -6.96
CA HIS C 176 12.43 -24.23 -6.46
C HIS C 176 13.54 -24.28 -7.51
N THR C 177 14.38 -23.25 -7.53
CA THR C 177 15.50 -23.22 -8.45
C THR C 177 16.50 -22.20 -7.89
N PHE C 178 17.77 -22.54 -7.90
CA PHE C 178 18.80 -21.66 -7.40
C PHE C 178 19.58 -20.96 -8.50
N LEU C 179 20.25 -19.88 -8.13
CA LEU C 179 21.04 -19.11 -9.08
C LEU C 179 22.23 -19.98 -9.46
N LYS C 180 22.50 -20.07 -10.76
CA LYS C 180 23.60 -20.87 -11.26
C LYS C 180 24.95 -20.42 -10.72
N GLY C 181 25.41 -19.25 -11.16
CA GLY C 181 26.68 -18.73 -10.70
C GLY C 181 26.77 -17.25 -10.96
N GLU C 182 27.97 -16.69 -10.83
CA GLU C 182 28.15 -15.26 -11.05
C GLU C 182 27.79 -14.95 -12.49
N ASP C 183 27.82 -15.98 -13.33
CA ASP C 183 27.49 -15.80 -14.74
C ASP C 183 26.04 -15.42 -14.91
N GLU C 184 25.17 -16.01 -14.10
CA GLU C 184 23.75 -15.70 -14.17
C GLU C 184 23.49 -14.36 -13.48
N LEU C 185 24.26 -14.08 -12.44
CA LEU C 185 24.14 -12.83 -11.71
C LEU C 185 24.44 -11.68 -12.66
N LYS C 186 25.47 -11.84 -13.47
CA LYS C 186 25.86 -10.81 -14.42
C LYS C 186 24.76 -10.53 -15.42
N HIS C 187 24.09 -11.59 -15.88
CA HIS C 187 23.07 -11.42 -16.90
C HIS C 187 21.70 -10.92 -16.42
N LEU C 188 21.68 -10.15 -15.35
CA LEU C 188 20.42 -9.57 -14.87
C LEU C 188 20.66 -8.50 -13.84
N VAL C 189 21.91 -8.34 -13.43
CA VAL C 189 22.24 -7.34 -12.43
C VAL C 189 23.40 -6.46 -12.89
N GLY C 190 24.09 -6.88 -13.93
CA GLY C 190 25.21 -6.12 -14.42
C GLY C 190 26.53 -6.66 -13.91
N PRO C 191 27.58 -6.67 -14.73
CA PRO C 191 28.88 -7.18 -14.33
C PRO C 191 29.45 -6.70 -13.00
N GLU C 192 29.36 -5.41 -12.70
CA GLU C 192 29.96 -4.97 -11.43
C GLU C 192 29.08 -5.13 -10.21
N LYS C 193 27.76 -5.00 -10.37
CA LYS C 193 26.90 -5.22 -9.23
C LYS C 193 27.06 -6.70 -8.91
N ALA C 194 27.26 -7.50 -9.96
CA ALA C 194 27.44 -8.94 -9.83
C ALA C 194 28.71 -9.26 -9.04
N ALA C 195 29.73 -8.46 -9.26
CA ALA C 195 30.99 -8.66 -8.56
C ALA C 195 30.74 -8.52 -7.07
N GLU C 196 30.04 -7.47 -6.69
CA GLU C 196 29.72 -7.19 -5.31
C GLU C 196 28.88 -8.30 -4.67
N LEU C 197 27.99 -8.89 -5.46
CA LEU C 197 27.09 -9.93 -4.96
C LEU C 197 27.55 -11.36 -5.22
N ALA C 198 28.79 -11.51 -5.66
CA ALA C 198 29.31 -12.85 -5.96
C ALA C 198 29.31 -13.78 -4.76
N PHE C 199 29.76 -13.28 -3.62
CA PHE C 199 29.81 -14.11 -2.41
C PHE C 199 28.46 -14.68 -1.99
N LEU C 200 27.36 -14.10 -2.48
CA LEU C 200 26.03 -14.60 -2.11
C LEU C 200 25.42 -15.61 -3.09
N ALA C 201 26.18 -16.03 -4.08
CA ALA C 201 25.67 -16.99 -5.06
C ALA C 201 26.60 -18.18 -5.17
N HIS C 202 26.22 -19.16 -5.97
CA HIS C 202 27.05 -20.34 -6.13
C HIS C 202 28.22 -20.10 -7.09
N HIS C 203 28.93 -21.17 -7.42
CA HIS C 203 30.08 -21.07 -8.32
C HIS C 203 29.80 -21.80 -9.64
#